data_2XQX
#
_entry.id   2XQX
#
_cell.length_a   134.105
_cell.length_b   73.510
_cell.length_c   34.597
_cell.angle_alpha   90.00
_cell.angle_beta   96.52
_cell.angle_gamma   90.00
#
_symmetry.space_group_name_H-M   'C 1 2 1'
#
loop_
_entity.id
_entity.type
_entity.pdbx_description
1 polymer 'ENDO-BETA-N-ACETYLGLUCOSAMINIDASE D'
2 non-polymer 'CALCIUM ION'
3 non-polymer 'ACETATE ION'
4 water water
#
_entity_poly.entity_id   1
_entity_poly.type   'polypeptide(L)'
_entity_poly.pdbx_seq_one_letter_code
;GSH(MSE)ASNIVPGATVIDSTFPKTEGGEGIEG(MSE)LNGTITSLSDKWSSAQLSGSVDIRLTKPRTVVRWV(MSE)D
HAGAGGESVNDGL(MSE)NTKDFDLYYKDADGEWKLAKEVRGNKAHVTDITLDKPITAQDWRLNVVTSDNGTPWKAIRIY
NWK(MSE)YEK
;
_entity_poly.pdbx_strand_id   A,B
#
loop_
_chem_comp.id
_chem_comp.type
_chem_comp.name
_chem_comp.formula
ACT non-polymer 'ACETATE ION' 'C2 H3 O2 -1'
CA non-polymer 'CALCIUM ION' 'Ca 2'
#
# COMPACT_ATOMS: atom_id res chain seq x y z
N ALA A 5 -18.83 21.66 7.36
CA ALA A 5 -20.00 21.94 6.47
C ALA A 5 -19.76 21.52 5.02
N SER A 6 -18.70 22.04 4.40
CA SER A 6 -18.43 21.77 2.98
C SER A 6 -17.43 20.63 2.71
N ASN A 7 -16.62 20.28 3.70
CA ASN A 7 -15.78 19.08 3.62
C ASN A 7 -16.70 17.88 3.75
N ILE A 8 -16.66 17.01 2.73
CA ILE A 8 -17.61 15.90 2.66
C ILE A 8 -17.02 14.54 3.07
N VAL A 9 -15.80 14.56 3.60
CA VAL A 9 -15.19 13.34 4.15
C VAL A 9 -15.76 12.89 5.51
N PRO A 10 -15.98 13.84 6.48
CA PRO A 10 -16.42 13.43 7.81
C PRO A 10 -17.65 12.54 7.77
N GLY A 11 -17.66 11.49 8.58
CA GLY A 11 -18.73 10.48 8.54
C GLY A 11 -18.41 9.31 7.63
N ALA A 12 -17.36 9.44 6.82
CA ALA A 12 -16.90 8.34 5.98
C ALA A 12 -16.49 7.13 6.83
N THR A 13 -16.67 5.94 6.24
CA THR A 13 -16.33 4.67 6.84
C THR A 13 -15.06 4.09 6.18
N VAL A 14 -14.24 3.41 6.97
CA VAL A 14 -13.07 2.71 6.44
C VAL A 14 -13.51 1.32 5.97
N ILE A 15 -13.33 1.05 4.67
CA ILE A 15 -13.80 -0.21 4.09
C ILE A 15 -12.65 -1.19 3.81
N ASP A 16 -11.41 -0.67 3.78
CA ASP A 16 -10.23 -1.52 3.57
C ASP A 16 -8.99 -0.65 3.79
N SER A 17 -7.88 -1.30 4.10
CA SER A 17 -6.59 -0.64 4.21
C SER A 17 -5.54 -1.73 4.14
N THR A 18 -4.27 -1.35 4.02
CA THR A 18 -3.19 -2.33 4.03
C THR A 18 -2.33 -2.16 5.29
N PHE A 19 -3.00 -1.92 6.41
CA PHE A 19 -2.35 -1.77 7.70
C PHE A 19 -2.91 -2.81 8.64
N PRO A 20 -2.05 -3.41 9.49
CA PRO A 20 -2.60 -4.41 10.41
C PRO A 20 -3.72 -3.77 11.22
N LYS A 21 -4.79 -4.51 11.43
CA LYS A 21 -5.90 -4.01 12.23
C LYS A 21 -5.40 -3.89 13.66
N THR A 22 -5.59 -2.72 14.26
CA THR A 22 -4.92 -2.44 15.54
C THR A 22 -5.52 -1.30 16.31
N GLU A 23 -5.99 -1.60 17.53
CA GLU A 23 -6.37 -0.61 18.52
C GLU A 23 -5.15 0.04 19.17
N GLY A 24 -5.09 1.37 19.17
CA GLY A 24 -6.18 2.17 18.70
C GLY A 24 -6.07 3.66 18.90
N GLY A 25 -4.95 4.12 19.47
CA GLY A 25 -4.70 5.56 19.59
C GLY A 25 -4.25 6.11 18.24
N GLU A 26 -4.76 7.29 17.86
CA GLU A 26 -4.44 7.93 16.57
C GLU A 26 -4.67 6.96 15.40
N GLY A 27 -5.88 6.40 15.36
CA GLY A 27 -6.28 5.49 14.31
C GLY A 27 -6.66 6.26 13.05
N ILE A 28 -6.91 5.51 11.98
CA ILE A 28 -7.23 6.07 10.66
C ILE A 28 -8.34 7.11 10.74
N GLU A 29 -9.32 6.86 11.60
CA GLU A 29 -10.49 7.71 11.70
C GLU A 29 -10.12 9.14 12.09
N GLY A 30 -8.97 9.30 12.73
CA GLY A 30 -8.41 10.60 13.07
C GLY A 30 -8.29 11.56 11.91
N MSE A 31 -7.95 11.07 10.72
CA MSE A 31 -7.82 11.97 9.55
C MSE A 31 -9.13 12.20 8.80
O MSE A 31 -9.18 12.98 7.85
CB MSE A 31 -6.73 11.49 8.59
CG MSE A 31 -7.10 10.23 7.86
SE MSE A 31 -6.01 9.96 6.32
CE MSE A 31 -6.58 8.15 5.85
N LEU A 32 -10.20 11.52 9.22
CA LEU A 32 -11.48 11.65 8.53
C LEU A 32 -12.40 12.73 9.13
N ASN A 33 -12.18 13.06 10.41
CA ASN A 33 -13.10 13.95 11.16
C ASN A 33 -13.02 15.44 10.84
N GLY A 34 -12.00 15.85 10.08
CA GLY A 34 -11.95 17.22 9.55
C GLY A 34 -11.48 18.25 10.57
N THR A 35 -11.04 17.78 11.73
CA THR A 35 -10.69 18.67 12.84
C THR A 35 -9.23 18.49 13.22
N ILE A 36 -8.65 19.54 13.79
CA ILE A 36 -7.34 19.45 14.44
C ILE A 36 -7.48 19.91 15.90
N THR A 37 -8.06 19.04 16.72
CA THR A 37 -8.41 19.36 18.10
C THR A 37 -7.18 19.44 19.01
N SER A 38 -6.13 18.68 18.66
CA SER A 38 -5.02 18.37 19.55
C SER A 38 -4.16 17.32 18.85
N LEU A 39 -3.06 16.91 19.49
CA LEU A 39 -2.10 15.96 18.90
C LEU A 39 -2.69 14.60 18.56
N SER A 40 -3.83 14.29 19.19
CA SER A 40 -4.50 13.01 19.06
C SER A 40 -5.56 12.99 17.94
N ASP A 41 -5.82 14.14 17.34
CA ASP A 41 -6.79 14.29 16.24
C ASP A 41 -6.13 14.11 14.85
N LYS A 42 -5.32 13.07 14.73
CA LYS A 42 -4.71 12.66 13.47
C LYS A 42 -4.75 11.14 13.35
N TRP A 43 -4.33 10.67 12.17
CA TRP A 43 -3.89 9.30 11.96
C TRP A 43 -2.36 9.25 11.96
N SER A 44 -1.82 8.34 12.76
CA SER A 44 -0.39 8.06 12.78
C SER A 44 -0.20 6.55 12.70
N SER A 45 0.81 6.11 11.96
CA SER A 45 1.20 4.69 11.94
C SER A 45 2.71 4.55 11.89
N ALA A 46 3.22 3.47 12.49
CA ALA A 46 4.64 3.12 12.44
C ALA A 46 4.99 2.46 11.11
N GLN A 47 3.98 1.92 10.42
CA GLN A 47 4.18 1.42 9.07
C GLN A 47 4.24 2.63 8.16
N LEU A 48 5.40 2.81 7.52
CA LEU A 48 5.71 4.06 6.82
C LEU A 48 5.06 4.24 5.44
N SER A 49 4.33 3.23 4.98
CA SER A 49 3.61 3.33 3.73
C SER A 49 2.38 2.42 3.73
N GLY A 50 1.41 2.72 2.87
CA GLY A 50 0.23 1.87 2.73
C GLY A 50 -0.98 2.67 2.28
N SER A 51 -2.11 1.98 2.11
CA SER A 51 -3.31 2.62 1.54
C SER A 51 -4.51 2.54 2.48
N VAL A 52 -5.47 3.47 2.30
CA VAL A 52 -6.71 3.48 3.06
C VAL A 52 -7.87 3.64 2.05
N ASP A 53 -8.87 2.77 2.13
CA ASP A 53 -10.07 2.86 1.31
C ASP A 53 -11.23 3.33 2.19
N ILE A 54 -11.86 4.46 1.81
CA ILE A 54 -13.00 4.99 2.57
C ILE A 54 -14.25 5.02 1.69
N ARG A 55 -15.40 4.93 2.35
CA ARG A 55 -16.68 5.07 1.67
C ARG A 55 -17.37 6.29 2.25
N LEU A 56 -17.58 7.31 1.42
CA LEU A 56 -18.23 8.54 1.86
C LEU A 56 -19.69 8.23 2.24
N THR A 57 -20.31 9.14 2.99
CA THR A 57 -21.71 8.97 3.42
C THR A 57 -22.63 8.83 2.21
N LYS A 58 -22.24 9.49 1.11
CA LYS A 58 -22.90 9.33 -0.20
C LYS A 58 -21.95 9.63 -1.36
N PRO A 59 -22.31 9.23 -2.60
CA PRO A 59 -21.50 9.62 -3.72
C PRO A 59 -21.40 11.14 -3.82
N ARG A 60 -20.20 11.64 -4.14
CA ARG A 60 -19.96 13.07 -4.25
C ARG A 60 -19.21 13.37 -5.54
N THR A 61 -19.37 14.60 -6.03
CA THR A 61 -18.65 15.07 -7.20
C THR A 61 -17.52 16.00 -6.76
N VAL A 62 -16.31 15.44 -6.69
CA VAL A 62 -15.21 16.09 -6.00
C VAL A 62 -14.38 16.93 -6.98
N VAL A 63 -14.07 18.16 -6.55
CA VAL A 63 -13.29 19.08 -7.37
C VAL A 63 -11.97 19.49 -6.72
N ARG A 64 -11.90 19.32 -5.40
CA ARG A 64 -10.82 19.85 -4.59
C ARG A 64 -10.45 18.81 -3.53
N TRP A 65 -9.16 18.66 -3.28
CA TRP A 65 -8.61 17.68 -2.33
C TRP A 65 -7.56 18.35 -1.46
N VAL A 66 -7.81 18.36 -0.14
CA VAL A 66 -6.95 18.99 0.87
C VAL A 66 -6.39 17.96 1.85
N MSE A 67 -5.08 18.02 2.07
CA MSE A 67 -4.45 17.16 3.07
C MSE A 67 -3.75 18.03 4.11
O MSE A 67 -2.90 18.86 3.75
CB MSE A 67 -3.42 16.22 2.41
CG MSE A 67 -4.03 15.22 1.44
SE MSE A 67 -4.79 13.68 2.35
CE MSE A 67 -3.10 12.91 2.92
N ASP A 68 -4.12 17.87 5.38
CA ASP A 68 -3.39 18.51 6.49
C ASP A 68 -2.34 17.54 6.99
N HIS A 69 -1.08 17.85 6.74
CA HIS A 69 0.03 17.02 7.14
C HIS A 69 0.43 17.37 8.56
N ALA A 70 1.52 16.77 9.04
CA ALA A 70 1.91 16.88 10.44
C ALA A 70 2.16 18.34 10.87
N GLY A 71 2.78 19.10 9.96
CA GLY A 71 3.11 20.51 10.20
C GLY A 71 1.86 21.38 10.39
N ALA A 72 0.79 21.05 9.68
CA ALA A 72 -0.50 21.70 9.87
C ALA A 72 -1.09 21.46 11.26
N GLY A 73 -0.71 20.36 11.89
CA GLY A 73 -1.16 20.08 13.26
C GLY A 73 -0.18 20.54 14.33
N GLY A 74 0.89 21.21 13.94
CA GLY A 74 1.84 21.75 14.91
C GLY A 74 3.05 20.87 15.20
N GLU A 75 3.32 19.92 14.31
CA GLU A 75 4.47 19.02 14.49
C GLU A 75 5.57 19.30 13.47
N SER A 76 6.73 19.68 13.98
CA SER A 76 7.87 20.06 13.14
C SER A 76 7.46 21.23 12.23
N VAL A 77 6.85 22.25 12.85
CA VAL A 77 6.29 23.41 12.14
C VAL A 77 7.32 24.25 11.36
N ASN A 78 8.55 24.28 11.86
CA ASN A 78 9.62 25.08 11.28
C ASN A 78 10.26 24.46 10.02
N ASP A 79 10.32 23.13 9.96
CA ASP A 79 11.07 22.48 8.91
C ASP A 79 10.28 21.57 7.98
N GLY A 80 9.11 21.11 8.42
CA GLY A 80 8.25 20.25 7.59
C GLY A 80 8.82 18.87 7.33
N LEU A 81 9.79 18.44 8.14
CA LEU A 81 10.44 17.15 7.94
C LEU A 81 9.52 15.96 8.17
N MSE A 82 8.40 16.22 8.84
CA MSE A 82 7.44 15.17 9.13
C MSE A 82 6.28 15.17 8.12
O MSE A 82 5.35 14.36 8.26
CB MSE A 82 6.89 15.37 10.56
CG MSE A 82 7.88 15.06 11.69
SE MSE A 82 6.95 15.22 13.38
CE MSE A 82 8.15 14.13 14.47
N ASN A 83 6.33 16.04 7.11
CA ASN A 83 5.21 16.17 6.17
C ASN A 83 5.24 15.10 5.10
N THR A 84 4.07 14.52 4.84
CA THR A 84 3.94 13.49 3.83
C THR A 84 4.55 13.97 2.50
N LYS A 85 5.31 13.11 1.85
CA LYS A 85 6.07 13.50 0.65
C LYS A 85 5.48 13.02 -0.65
N ASP A 86 5.26 11.70 -0.74
CA ASP A 86 4.67 11.09 -1.92
C ASP A 86 3.38 10.37 -1.51
N PHE A 87 2.29 10.68 -2.18
CA PHE A 87 0.98 10.15 -1.81
C PHE A 87 0.02 10.44 -2.93
N ASP A 88 -0.87 9.47 -3.22
CA ASP A 88 -1.76 9.55 -4.36
C ASP A 88 -3.24 9.34 -3.94
N LEU A 89 -4.16 9.91 -4.71
CA LEU A 89 -5.59 9.73 -4.48
C LEU A 89 -6.19 8.95 -5.66
N TYR A 90 -6.94 7.91 -5.33
CA TYR A 90 -7.62 7.06 -6.31
C TYR A 90 -9.12 7.10 -6.01
N TYR A 91 -9.92 6.77 -7.02
CA TYR A 91 -11.37 6.68 -6.85
C TYR A 91 -11.88 5.41 -7.52
N LYS A 92 -12.97 4.85 -6.98
CA LYS A 92 -13.57 3.69 -7.61
C LYS A 92 -14.62 4.19 -8.60
N ASP A 93 -14.47 3.78 -9.85
CA ASP A 93 -15.43 4.15 -10.90
C ASP A 93 -16.72 3.31 -10.86
N ALA A 94 -17.70 3.67 -11.70
CA ALA A 94 -18.99 2.94 -11.78
C ALA A 94 -18.86 1.43 -12.08
N ASP A 95 -17.90 1.05 -12.94
CA ASP A 95 -17.66 -0.37 -13.25
C ASP A 95 -16.99 -1.13 -12.09
N GLY A 96 -16.58 -0.42 -11.05
CA GLY A 96 -15.95 -1.03 -9.89
C GLY A 96 -14.42 -1.06 -9.93
N GLU A 97 -13.83 -0.29 -10.84
CA GLU A 97 -12.38 -0.25 -11.03
C GLU A 97 -11.75 0.98 -10.39
N TRP A 98 -10.63 0.78 -9.70
CA TRP A 98 -9.92 1.89 -9.09
C TRP A 98 -9.16 2.68 -10.14
N LYS A 99 -9.33 3.99 -10.12
CA LYS A 99 -8.67 4.91 -11.06
C LYS A 99 -7.92 6.00 -10.32
N LEU A 100 -6.76 6.38 -10.85
CA LEU A 100 -5.94 7.41 -10.22
C LEU A 100 -6.59 8.76 -10.43
N ALA A 101 -6.85 9.47 -9.34
CA ALA A 101 -7.33 10.86 -9.41
C ALA A 101 -6.18 11.86 -9.45
N LYS A 102 -5.13 11.65 -8.64
CA LYS A 102 -4.06 12.65 -8.49
C LYS A 102 -2.87 12.04 -7.76
N GLU A 103 -1.68 12.27 -8.32
CA GLU A 103 -0.44 11.82 -7.72
C GLU A 103 0.36 13.01 -7.19
N VAL A 104 0.93 12.88 -6.00
CA VAL A 104 1.79 13.94 -5.46
C VAL A 104 3.18 13.37 -5.14
N ARG A 105 4.19 14.03 -5.68
CA ARG A 105 5.57 13.60 -5.49
C ARG A 105 6.42 14.76 -5.03
N GLY A 106 7.19 14.55 -3.98
CA GLY A 106 8.12 15.57 -3.52
C GLY A 106 7.54 16.69 -2.66
N ASN A 107 6.31 16.51 -2.15
CA ASN A 107 5.76 17.50 -1.23
C ASN A 107 6.58 17.69 0.03
N LYS A 108 6.61 18.94 0.52
CA LYS A 108 7.16 19.26 1.83
C LYS A 108 6.23 20.24 2.60
N ALA A 109 5.22 20.77 1.92
CA ALA A 109 4.30 21.76 2.51
C ALA A 109 3.42 21.20 3.64
N HIS A 110 2.98 22.08 4.54
CA HIS A 110 2.17 21.67 5.71
C HIS A 110 0.78 21.22 5.29
N VAL A 111 0.26 21.88 4.26
CA VAL A 111 -1.07 21.62 3.73
C VAL A 111 -0.90 21.55 2.21
N THR A 112 -1.50 20.56 1.58
CA THR A 112 -1.57 20.51 0.12
C THR A 112 -3.04 20.74 -0.24
N ASP A 113 -3.28 21.72 -1.10
CA ASP A 113 -4.65 22.09 -1.48
C ASP A 113 -4.77 22.06 -3.00
N ILE A 114 -5.33 20.97 -3.52
CA ILE A 114 -5.22 20.63 -4.93
C ILE A 114 -6.59 20.58 -5.58
N THR A 115 -6.77 21.40 -6.61
CA THR A 115 -7.93 21.31 -7.49
C THR A 115 -7.70 20.15 -8.48
N LEU A 116 -8.68 19.26 -8.62
CA LEU A 116 -8.51 18.11 -9.51
C LEU A 116 -8.52 18.56 -10.98
N ASP A 117 -7.91 17.78 -11.86
CA ASP A 117 -7.91 18.09 -13.30
C ASP A 117 -9.33 18.24 -13.82
N LYS A 118 -10.23 17.40 -13.31
CA LYS A 118 -11.63 17.42 -13.69
C LYS A 118 -12.46 16.89 -12.51
N PRO A 119 -13.72 17.33 -12.39
CA PRO A 119 -14.62 16.80 -11.36
C PRO A 119 -14.73 15.28 -11.44
N ILE A 120 -14.67 14.61 -10.29
CA ILE A 120 -14.81 13.15 -10.28
C ILE A 120 -15.92 12.73 -9.34
N THR A 121 -16.85 11.94 -9.87
CA THR A 121 -17.96 11.41 -9.07
C THR A 121 -17.67 10.01 -8.56
N ALA A 122 -17.59 9.87 -7.25
CA ALA A 122 -17.36 8.56 -6.62
C ALA A 122 -17.80 8.57 -5.16
N GLN A 123 -18.11 7.38 -4.64
CA GLN A 123 -18.40 7.21 -3.22
C GLN A 123 -17.20 6.63 -2.50
N ASP A 124 -16.51 5.69 -3.16
CA ASP A 124 -15.32 5.05 -2.59
C ASP A 124 -14.03 5.70 -3.10
N TRP A 125 -13.17 6.05 -2.15
CA TRP A 125 -11.94 6.78 -2.43
C TRP A 125 -10.79 6.07 -1.75
N ARG A 126 -9.59 6.24 -2.27
CA ARG A 126 -8.41 5.53 -1.76
C ARG A 126 -7.27 6.50 -1.62
N LEU A 127 -6.60 6.49 -0.47
CA LEU A 127 -5.38 7.26 -0.29
C LEU A 127 -4.25 6.26 -0.18
N ASN A 128 -3.20 6.48 -0.95
CA ASN A 128 -2.02 5.63 -0.89
C ASN A 128 -0.85 6.50 -0.47
N VAL A 129 -0.28 6.17 0.69
CA VAL A 129 0.91 6.86 1.19
C VAL A 129 2.14 6.09 0.74
N VAL A 130 2.96 6.76 -0.06
CA VAL A 130 4.12 6.14 -0.66
C VAL A 130 5.35 6.45 0.19
N THR A 131 5.54 7.73 0.51
CA THR A 131 6.67 8.21 1.33
C THR A 131 6.06 9.11 2.41
N SER A 132 6.21 8.72 3.68
CA SER A 132 5.47 9.34 4.79
C SER A 132 6.04 10.64 5.35
N ASP A 133 7.30 10.95 5.02
CA ASP A 133 7.93 12.13 5.57
C ASP A 133 9.09 12.63 4.72
N ASN A 134 9.72 13.69 5.19
CA ASN A 134 10.81 14.34 4.47
C ASN A 134 12.12 14.25 5.24
N GLY A 135 12.37 13.11 5.86
CA GLY A 135 13.64 12.86 6.54
C GLY A 135 13.70 13.31 7.98
N THR A 136 12.57 13.30 8.68
CA THR A 136 12.53 13.49 10.12
C THR A 136 13.25 12.35 10.82
N PRO A 137 13.91 12.63 11.97
CA PRO A 137 14.51 11.53 12.75
C PRO A 137 13.50 10.54 13.32
N TRP A 138 12.24 10.98 13.48
CA TRP A 138 11.19 10.14 14.08
C TRP A 138 10.13 9.82 13.04
N LYS A 139 10.50 8.91 12.12
CA LYS A 139 9.68 8.58 10.97
C LYS A 139 8.35 7.94 11.36
N ALA A 140 7.28 8.35 10.66
CA ALA A 140 5.92 7.81 10.84
C ALA A 140 5.00 8.39 9.78
N ILE A 141 3.89 7.72 9.52
CA ILE A 141 2.80 8.37 8.82
C ILE A 141 2.10 9.29 9.82
N ARG A 142 1.91 10.57 9.50
CA ARG A 142 1.20 11.50 10.38
C ARG A 142 0.32 12.39 9.53
N ILE A 143 -0.98 12.08 9.48
CA ILE A 143 -1.89 12.88 8.66
C ILE A 143 -3.02 13.44 9.51
N TYR A 144 -3.12 14.77 9.60
CA TYR A 144 -4.17 15.35 10.44
C TYR A 144 -5.57 15.28 9.87
N ASN A 145 -5.72 15.55 8.56
CA ASN A 145 -7.02 15.45 7.89
C ASN A 145 -6.90 15.13 6.40
N TRP A 146 -7.84 14.32 5.93
CA TRP A 146 -8.08 14.12 4.52
C TRP A 146 -9.45 14.70 4.22
N LYS A 147 -9.45 15.74 3.39
CA LYS A 147 -10.63 16.53 3.14
C LYS A 147 -10.85 16.62 1.65
N MSE A 148 -12.11 16.62 1.25
CA MSE A 148 -12.48 16.79 -0.14
C MSE A 148 -13.75 17.64 -0.24
O MSE A 148 -14.58 17.63 0.67
CB MSE A 148 -12.69 15.44 -0.81
CG MSE A 148 -11.40 14.60 -0.90
SE MSE A 148 -11.64 12.99 -1.94
CE MSE A 148 -12.86 12.05 -0.72
N TYR A 149 -13.89 18.34 -1.35
CA TYR A 149 -14.96 19.32 -1.52
C TYR A 149 -15.61 19.19 -2.89
N GLU A 150 -16.91 19.43 -2.93
CA GLU A 150 -17.65 19.58 -4.19
C GLU A 150 -17.51 21.02 -4.68
N LYS A 151 -18.05 21.35 -5.86
CA LYS A 151 -17.93 22.71 -6.41
C LYS A 151 -18.68 23.78 -5.60
N SER B 6 3.62 -28.13 -7.33
CA SER B 6 3.13 -27.97 -5.93
C SER B 6 2.86 -26.49 -5.58
N ASN B 7 3.54 -25.58 -6.28
CA ASN B 7 3.30 -24.15 -6.15
C ASN B 7 1.92 -23.77 -6.72
N ILE B 8 1.04 -23.29 -5.85
CA ILE B 8 -0.39 -23.03 -6.13
C ILE B 8 -0.69 -21.65 -6.72
N VAL B 9 0.34 -20.81 -6.83
CA VAL B 9 0.16 -19.43 -7.28
C VAL B 9 -0.06 -19.26 -8.81
N PRO B 10 0.68 -19.98 -9.66
CA PRO B 10 0.56 -19.73 -11.10
C PRO B 10 -0.85 -19.91 -11.60
N GLY B 11 -1.30 -19.01 -12.47
CA GLY B 11 -2.66 -19.04 -12.99
C GLY B 11 -3.55 -18.08 -12.23
N ALA B 12 -3.07 -17.59 -11.09
CA ALA B 12 -3.79 -16.56 -10.33
C ALA B 12 -3.97 -15.28 -11.15
N THR B 13 -5.02 -14.54 -10.84
CA THR B 13 -5.26 -13.26 -11.49
C THR B 13 -5.13 -12.15 -10.46
N VAL B 14 -4.73 -10.96 -10.93
CA VAL B 14 -4.67 -9.77 -10.08
C VAL B 14 -6.06 -9.16 -10.00
N ILE B 15 -6.57 -9.00 -8.77
CA ILE B 15 -7.92 -8.48 -8.59
C ILE B 15 -7.91 -7.02 -8.12
N ASP B 16 -6.78 -6.59 -7.53
CA ASP B 16 -6.59 -5.20 -7.10
C ASP B 16 -5.11 -5.00 -6.79
N SER B 17 -4.71 -3.73 -6.73
CA SER B 17 -3.37 -3.37 -6.30
C SER B 17 -3.36 -1.87 -6.04
N THR B 18 -2.32 -1.40 -5.37
CA THR B 18 -2.21 0.02 -5.10
C THR B 18 -1.09 0.62 -5.96
N PHE B 19 -1.00 0.14 -7.19
CA PHE B 19 -0.06 0.69 -8.17
C PHE B 19 -0.80 1.27 -9.36
N PRO B 20 -0.28 2.38 -9.92
CA PRO B 20 -0.90 2.91 -11.14
C PRO B 20 -1.02 1.82 -12.17
N LYS B 21 -2.15 1.77 -12.87
CA LYS B 21 -2.34 0.83 -13.96
C LYS B 21 -1.50 1.27 -15.14
N THR B 22 -0.45 0.51 -15.40
CA THR B 22 0.60 0.88 -16.34
C THR B 22 1.08 -0.38 -17.04
N GLU B 23 1.49 -0.22 -18.29
CA GLU B 23 1.56 -1.30 -19.27
C GLU B 23 2.92 -2.02 -19.45
N GLY B 24 2.87 -3.24 -19.96
CA GLY B 24 4.06 -3.99 -20.38
C GLY B 24 5.09 -4.35 -19.33
N GLY B 25 6.35 -4.06 -19.64
CA GLY B 25 7.54 -4.73 -19.08
C GLY B 25 7.64 -4.96 -17.58
N GLU B 26 7.82 -6.23 -17.21
CA GLU B 26 8.01 -6.65 -15.80
C GLU B 26 6.83 -6.19 -14.94
N GLY B 27 5.64 -6.58 -15.38
CA GLY B 27 4.43 -6.32 -14.64
C GLY B 27 4.31 -7.28 -13.48
N ILE B 28 3.28 -7.03 -12.68
CA ILE B 28 3.00 -7.82 -11.49
CA ILE B 28 2.95 -7.82 -11.51
C ILE B 28 2.96 -9.31 -11.84
N GLU B 29 2.36 -9.66 -12.98
CA GLU B 29 2.24 -11.06 -13.40
C GLU B 29 3.58 -11.80 -13.46
N GLY B 30 4.67 -11.06 -13.58
CA GLY B 30 6.02 -11.62 -13.55
C GLY B 30 6.31 -12.50 -12.34
N MSE B 31 5.80 -12.11 -11.17
CA MSE B 31 6.06 -12.83 -9.93
C MSE B 31 5.08 -13.97 -9.64
O MSE B 31 5.22 -14.69 -8.66
CB MSE B 31 6.08 -11.88 -8.72
CG MSE B 31 4.72 -11.36 -8.34
SE MSE B 31 4.72 -10.60 -6.56
CE MSE B 31 3.01 -9.66 -6.67
N LEU B 32 4.06 -14.10 -10.47
CA LEU B 32 3.04 -15.11 -10.23
C LEU B 32 3.28 -16.41 -10.99
N ASN B 33 4.20 -16.38 -11.97
CA ASN B 33 4.40 -17.51 -12.89
C ASN B 33 5.29 -18.64 -12.37
N GLY B 34 6.05 -18.38 -11.30
CA GLY B 34 6.85 -19.42 -10.66
C GLY B 34 8.19 -19.69 -11.33
N THR B 35 8.45 -19.00 -12.43
CA THR B 35 9.66 -19.26 -13.18
C THR B 35 10.64 -18.12 -13.00
N ILE B 36 11.90 -18.41 -13.31
CA ILE B 36 12.95 -17.39 -13.38
C ILE B 36 13.73 -17.66 -14.69
N THR B 37 13.12 -17.31 -15.80
CA THR B 37 13.68 -17.63 -17.11
C THR B 37 14.73 -16.59 -17.52
N SER B 38 14.62 -15.39 -16.96
CA SER B 38 15.50 -14.29 -17.33
C SER B 38 15.19 -13.06 -16.47
N LEU B 39 15.90 -11.97 -16.73
CA LEU B 39 15.70 -10.71 -16.01
C LEU B 39 14.29 -10.14 -16.11
N SER B 40 13.55 -10.54 -17.14
CA SER B 40 12.19 -10.02 -17.38
C SER B 40 11.10 -10.87 -16.73
N ASP B 41 11.53 -11.96 -16.10
CA ASP B 41 10.67 -12.90 -15.45
C ASP B 41 10.42 -12.56 -13.96
N LYS B 42 10.17 -11.28 -13.71
CA LYS B 42 9.94 -10.75 -12.38
C LYS B 42 8.93 -9.62 -12.45
N TRP B 43 8.41 -9.24 -11.28
CA TRP B 43 7.73 -7.95 -11.14
C TRP B 43 8.71 -6.91 -10.62
N SER B 44 8.77 -5.77 -11.31
CA SER B 44 9.53 -4.63 -10.85
C SER B 44 8.67 -3.38 -10.92
N SER B 45 8.83 -2.48 -9.95
CA SER B 45 8.14 -1.19 -9.96
C SER B 45 9.05 -0.12 -9.41
N ALA B 46 8.89 1.10 -9.94
CA ALA B 46 9.61 2.27 -9.43
C ALA B 46 8.88 2.88 -8.23
N GLN B 47 7.63 2.47 -8.02
CA GLN B 47 6.94 2.81 -6.78
C GLN B 47 7.41 1.81 -5.74
N LEU B 48 8.04 2.33 -4.69
CA LEU B 48 8.84 1.50 -3.76
C LEU B 48 8.04 0.76 -2.69
N SER B 49 6.75 1.03 -2.62
CA SER B 49 5.87 0.31 -1.72
C SER B 49 4.46 0.20 -2.32
N GLY B 50 3.70 -0.78 -1.86
CA GLY B 50 2.32 -0.95 -2.30
C GLY B 50 1.88 -2.37 -2.14
N SER B 51 0.60 -2.63 -2.42
CA SER B 51 0.05 -3.96 -2.26
C SER B 51 -0.45 -4.57 -3.56
N VAL B 52 -0.52 -5.91 -3.57
CA VAL B 52 -1.08 -6.67 -4.67
C VAL B 52 -2.09 -7.69 -4.12
N ASP B 53 -3.29 -7.69 -4.71
CA ASP B 53 -4.33 -8.65 -4.35
C ASP B 53 -4.52 -9.64 -5.48
N ILE B 54 -4.38 -10.93 -5.19
CA ILE B 54 -4.53 -11.97 -6.20
C ILE B 54 -5.65 -12.92 -5.83
N ARG B 55 -6.23 -13.56 -6.83
CA ARG B 55 -7.23 -14.59 -6.63
C ARG B 55 -6.69 -15.85 -7.27
N LEU B 56 -6.44 -16.87 -6.45
CA LEU B 56 -5.90 -18.13 -6.95
C LEU B 56 -6.96 -18.82 -7.81
N THR B 57 -6.55 -19.80 -8.59
CA THR B 57 -7.47 -20.51 -9.48
C THR B 57 -8.60 -21.14 -8.66
N LYS B 58 -8.24 -21.65 -7.49
CA LYS B 58 -9.21 -22.24 -6.56
C LYS B 58 -8.78 -22.00 -5.11
N PRO B 59 -9.73 -22.08 -4.15
CA PRO B 59 -9.36 -21.99 -2.74
C PRO B 59 -8.31 -23.04 -2.37
N ARG B 60 -7.32 -22.62 -1.60
CA ARG B 60 -6.22 -23.50 -1.21
C ARG B 60 -5.95 -23.36 0.29
N THR B 61 -5.41 -24.42 0.91
CA THR B 61 -5.04 -24.43 2.33
C THR B 61 -3.53 -24.33 2.44
N VAL B 62 -3.04 -23.11 2.65
CA VAL B 62 -1.60 -22.86 2.50
C VAL B 62 -0.89 -23.13 3.81
N VAL B 63 0.26 -23.81 3.72
CA VAL B 63 1.13 -24.05 4.88
C VAL B 63 2.46 -23.30 4.79
N ARG B 64 2.85 -22.94 3.57
CA ARG B 64 4.18 -22.42 3.31
C ARG B 64 4.12 -21.33 2.23
N TRP B 65 4.98 -20.32 2.39
CA TRP B 65 5.03 -19.13 1.55
C TRP B 65 6.50 -18.87 1.25
N VAL B 66 6.84 -18.85 -0.03
CA VAL B 66 8.22 -18.65 -0.52
C VAL B 66 8.26 -17.41 -1.39
N MSE B 67 9.26 -16.56 -1.15
CA MSE B 67 9.47 -15.39 -1.98
C MSE B 67 10.88 -15.45 -2.58
O MSE B 67 11.86 -15.57 -1.84
CB MSE B 67 9.28 -14.10 -1.17
CG MSE B 67 7.87 -13.87 -0.64
SE MSE B 67 6.65 -13.06 -1.95
CE MSE B 67 7.48 -11.30 -1.93
N ASP B 68 10.96 -15.38 -3.91
CA ASP B 68 12.23 -15.22 -4.64
C ASP B 68 12.48 -13.73 -4.87
N HIS B 69 13.41 -13.18 -4.11
CA HIS B 69 13.75 -11.78 -4.23
C HIS B 69 14.71 -11.56 -5.37
N ALA B 70 15.24 -10.35 -5.48
CA ALA B 70 16.08 -9.97 -6.62
C ALA B 70 17.34 -10.83 -6.73
N GLY B 71 17.98 -11.09 -5.58
CA GLY B 71 19.19 -11.93 -5.54
C GLY B 71 18.96 -13.34 -6.07
N ALA B 72 17.77 -13.87 -5.84
CA ALA B 72 17.39 -15.19 -6.33
C ALA B 72 17.27 -15.24 -7.86
N GLY B 73 16.99 -14.11 -8.49
CA GLY B 73 17.01 -14.02 -9.96
C GLY B 73 18.31 -13.46 -10.51
N GLY B 74 19.34 -13.40 -9.68
CA GLY B 74 20.68 -13.06 -10.15
C GLY B 74 21.08 -11.60 -10.14
N GLU B 75 20.35 -10.79 -9.37
CA GLU B 75 20.62 -9.35 -9.27
C GLU B 75 21.19 -8.97 -7.89
N SER B 76 22.33 -8.28 -7.92
CA SER B 76 23.08 -7.94 -6.70
C SER B 76 23.32 -9.21 -5.85
N VAL B 77 23.80 -10.27 -6.50
CA VAL B 77 23.98 -11.57 -5.84
C VAL B 77 24.99 -11.54 -4.69
N ASN B 78 26.01 -10.71 -4.81
CA ASN B 78 27.03 -10.63 -3.78
C ASN B 78 26.50 -10.08 -2.44
N ASP B 79 25.71 -9.02 -2.51
CA ASP B 79 25.36 -8.26 -1.31
C ASP B 79 23.90 -8.33 -0.86
N GLY B 80 23.00 -8.71 -1.77
CA GLY B 80 21.57 -8.75 -1.49
C GLY B 80 20.92 -7.40 -1.18
N LEU B 81 21.56 -6.31 -1.62
CA LEU B 81 21.04 -4.96 -1.31
C LEU B 81 19.73 -4.62 -2.01
N MSE B 82 19.37 -5.40 -3.03
CA MSE B 82 18.13 -5.19 -3.77
C MSE B 82 17.00 -6.06 -3.22
O MSE B 82 15.88 -6.01 -3.73
CB MSE B 82 18.34 -5.49 -5.25
CG MSE B 82 19.31 -4.54 -5.97
SE MSE B 82 19.31 -5.04 -7.83
CE MSE B 82 19.92 -3.34 -8.53
N ASN B 83 17.30 -6.89 -2.22
CA ASN B 83 16.32 -7.84 -1.67
C ASN B 83 15.25 -7.16 -0.83
N THR B 84 13.98 -7.50 -1.11
CA THR B 84 12.87 -6.99 -0.33
C THR B 84 13.14 -7.18 1.15
N LYS B 85 12.91 -6.10 1.92
CA LYS B 85 13.24 -6.08 3.35
C LYS B 85 12.04 -6.30 4.27
N ASP B 86 11.01 -5.47 4.07
CA ASP B 86 9.77 -5.55 4.84
C ASP B 86 8.62 -5.81 3.90
N PHE B 87 7.86 -6.86 4.19
CA PHE B 87 6.74 -7.29 3.38
C PHE B 87 5.92 -8.30 4.17
N ASP B 88 4.60 -8.29 3.92
CA ASP B 88 3.64 -9.01 4.72
C ASP B 88 2.65 -9.74 3.82
N LEU B 89 2.11 -10.85 4.30
CA LEU B 89 1.13 -11.63 3.56
C LEU B 89 -0.19 -11.57 4.32
N TYR B 90 -1.27 -11.23 3.61
CA TYR B 90 -2.60 -11.21 4.18
C TYR B 90 -3.47 -12.15 3.35
N TYR B 91 -4.56 -12.59 3.95
CA TYR B 91 -5.51 -13.47 3.28
C TYR B 91 -6.92 -12.97 3.55
N LYS B 92 -7.84 -13.23 2.63
CA LYS B 92 -9.24 -12.86 2.81
C LYS B 92 -9.94 -14.02 3.49
N ASP B 93 -10.49 -13.76 4.67
CA ASP B 93 -11.19 -14.78 5.44
C ASP B 93 -12.62 -14.97 4.90
N ALA B 94 -13.33 -15.99 5.36
CA ALA B 94 -14.74 -16.19 4.94
C ALA B 94 -15.65 -15.02 5.26
N ASP B 95 -15.35 -14.30 6.35
CA ASP B 95 -16.09 -13.11 6.74
C ASP B 95 -15.87 -11.91 5.78
N GLY B 96 -15.06 -12.12 4.75
CA GLY B 96 -14.72 -11.06 3.81
C GLY B 96 -13.79 -10.01 4.39
N GLU B 97 -13.15 -10.32 5.51
CA GLU B 97 -12.18 -9.43 6.14
C GLU B 97 -10.77 -9.91 5.84
N TRP B 98 -9.91 -8.98 5.45
CA TRP B 98 -8.50 -9.25 5.27
C TRP B 98 -7.82 -9.47 6.61
N LYS B 99 -7.04 -10.54 6.70
CA LYS B 99 -6.31 -10.90 7.91
C LYS B 99 -4.83 -11.16 7.60
N LEU B 100 -3.95 -10.71 8.50
CA LEU B 100 -2.53 -10.90 8.33
C LEU B 100 -2.17 -12.36 8.55
N ALA B 101 -1.49 -12.96 7.57
CA ALA B 101 -0.92 -14.31 7.71
C ALA B 101 0.47 -14.26 8.34
N LYS B 102 1.37 -13.41 7.81
CA LYS B 102 2.77 -13.38 8.20
C LYS B 102 3.39 -12.03 7.87
N GLU B 103 4.13 -11.51 8.84
CA GLU B 103 4.84 -10.24 8.76
C GLU B 103 6.35 -10.52 8.65
N VAL B 104 7.03 -9.86 7.72
CA VAL B 104 8.49 -10.01 7.61
C VAL B 104 9.15 -8.64 7.70
N ARG B 105 10.05 -8.51 8.67
CA ARG B 105 10.82 -7.29 8.84
C ARG B 105 12.31 -7.57 8.90
N GLY B 106 13.07 -6.82 8.11
CA GLY B 106 14.52 -6.86 8.20
C GLY B 106 15.18 -7.89 7.32
N ASN B 107 14.40 -8.56 6.46
CA ASN B 107 14.98 -9.58 5.61
C ASN B 107 16.07 -9.02 4.68
N LYS B 108 17.12 -9.82 4.45
CA LYS B 108 18.16 -9.51 3.45
C LYS B 108 18.40 -10.70 2.52
N ALA B 109 17.86 -11.86 2.88
CA ALA B 109 18.09 -13.12 2.16
C ALA B 109 17.54 -13.11 0.74
N HIS B 110 18.20 -13.87 -0.14
CA HIS B 110 17.83 -13.95 -1.56
C HIS B 110 16.45 -14.59 -1.71
N VAL B 111 16.18 -15.58 -0.84
CA VAL B 111 14.93 -16.31 -0.85
C VAL B 111 14.47 -16.34 0.61
N THR B 112 13.17 -16.18 0.84
CA THR B 112 12.57 -16.39 2.15
C THR B 112 11.59 -17.54 2.00
N ASP B 113 11.79 -18.58 2.83
CA ASP B 113 10.99 -19.80 2.77
C ASP B 113 10.42 -19.95 4.17
N ILE B 114 9.11 -19.70 4.28
CA ILE B 114 8.49 -19.46 5.56
C ILE B 114 7.30 -20.39 5.71
N THR B 115 7.35 -21.22 6.75
CA THR B 115 6.21 -22.07 7.13
C THR B 115 5.26 -21.22 7.95
N LEU B 116 3.98 -21.25 7.62
CA LEU B 116 3.00 -20.46 8.33
C LEU B 116 2.78 -21.02 9.74
N ASP B 117 2.47 -20.14 10.68
CA ASP B 117 2.14 -20.55 12.05
C ASP B 117 1.14 -21.68 12.01
N LYS B 118 0.03 -21.45 11.31
CA LYS B 118 -0.98 -22.48 11.10
C LYS B 118 -1.41 -22.51 9.62
N PRO B 119 -2.04 -23.63 9.17
CA PRO B 119 -2.59 -23.71 7.83
C PRO B 119 -3.74 -22.74 7.62
N ILE B 120 -3.74 -22.05 6.47
CA ILE B 120 -4.77 -21.05 6.19
C ILE B 120 -5.47 -21.28 4.85
N THR B 121 -6.79 -21.51 4.92
CA THR B 121 -7.60 -21.72 3.72
C THR B 121 -8.14 -20.40 3.18
N ALA B 122 -7.72 -20.04 1.97
CA ALA B 122 -8.26 -18.84 1.32
C ALA B 122 -8.05 -18.95 -0.19
N GLN B 123 -8.84 -18.20 -0.93
CA GLN B 123 -8.62 -18.05 -2.37
C GLN B 123 -7.96 -16.71 -2.71
N ASP B 124 -8.37 -15.67 -2.00
CA ASP B 124 -7.85 -14.32 -2.21
C ASP B 124 -6.72 -14.00 -1.21
N TRP B 125 -5.58 -13.59 -1.76
CA TRP B 125 -4.36 -13.32 -0.98
C TRP B 125 -3.83 -11.94 -1.33
N ARG B 126 -3.07 -11.36 -0.40
CA ARG B 126 -2.56 -10.00 -0.56
C ARG B 126 -1.10 -9.95 -0.12
N LEU B 127 -0.26 -9.39 -0.97
CA LEU B 127 1.12 -9.07 -0.63
C LEU B 127 1.23 -7.57 -0.46
N ASN B 128 1.83 -7.17 0.65
CA ASN B 128 2.10 -5.77 0.90
C ASN B 128 3.60 -5.60 1.04
N VAL B 129 4.19 -4.82 0.14
CA VAL B 129 5.61 -4.47 0.18
C VAL B 129 5.72 -3.14 0.92
N VAL B 130 6.37 -3.21 2.08
CA VAL B 130 6.52 -2.07 2.96
C VAL B 130 7.86 -1.37 2.67
N THR B 131 8.94 -2.15 2.64
CA THR B 131 10.29 -1.64 2.34
C THR B 131 10.87 -2.52 1.25
N SER B 132 11.05 -1.94 0.05
CA SER B 132 11.37 -2.71 -1.16
C SER B 132 12.80 -3.26 -1.27
N ASP B 133 13.74 -2.66 -0.54
CA ASP B 133 15.13 -3.13 -0.62
C ASP B 133 15.98 -2.83 0.62
N ASN B 134 17.26 -3.20 0.53
CA ASN B 134 18.20 -3.05 1.64
C ASN B 134 19.30 -2.01 1.42
N GLY B 135 18.99 -0.97 0.65
CA GLY B 135 19.91 0.16 0.51
C GLY B 135 20.72 0.18 -0.79
N THR B 136 20.27 -0.59 -1.78
CA THR B 136 20.82 -0.54 -3.13
C THR B 136 20.81 0.89 -3.66
N PRO B 137 21.83 1.27 -4.46
CA PRO B 137 21.82 2.56 -5.15
C PRO B 137 20.72 2.67 -6.21
N TRP B 138 20.18 1.53 -6.63
CA TRP B 138 19.12 1.52 -7.67
C TRP B 138 17.82 0.96 -7.12
N LYS B 139 17.14 1.77 -6.30
CA LYS B 139 15.94 1.37 -5.57
C LYS B 139 14.77 0.98 -6.48
N ALA B 140 14.11 -0.13 -6.15
CA ALA B 140 12.90 -0.57 -6.87
C ALA B 140 12.32 -1.76 -6.14
N ILE B 141 11.04 -2.00 -6.34
CA ILE B 141 10.49 -3.30 -6.01
C ILE B 141 11.00 -4.29 -7.07
N ARG B 142 11.64 -5.39 -6.64
CA ARG B 142 12.03 -6.44 -7.58
C ARG B 142 11.67 -7.80 -7.01
N ILE B 143 10.61 -8.40 -7.52
CA ILE B 143 10.20 -9.71 -6.99
C ILE B 143 10.12 -10.76 -8.09
N TYR B 144 10.97 -11.79 -8.01
CA TYR B 144 10.97 -12.82 -9.05
C TYR B 144 9.80 -13.77 -8.98
N ASN B 145 9.44 -14.20 -7.77
CA ASN B 145 8.26 -15.06 -7.57
C ASN B 145 7.64 -14.93 -6.19
N TRP B 146 6.31 -15.05 -6.18
CA TRP B 146 5.51 -15.25 -5.00
C TRP B 146 4.88 -16.64 -5.15
N LYS B 147 5.28 -17.53 -4.25
CA LYS B 147 4.89 -18.93 -4.32
C LYS B 147 4.25 -19.36 -3.02
N MSE B 148 3.24 -20.20 -3.13
CA MSE B 148 2.62 -20.80 -1.96
C MSE B 148 2.37 -22.28 -2.21
O MSE B 148 2.22 -22.70 -3.35
CB MSE B 148 1.35 -20.05 -1.54
CG MSE B 148 1.67 -18.69 -0.93
SE MSE B 148 0.15 -17.65 -0.38
CE MSE B 148 -0.84 -17.62 -2.02
N TYR B 149 2.37 -23.05 -1.13
CA TYR B 149 2.28 -24.51 -1.20
C TYR B 149 1.32 -25.03 -0.16
N GLU B 150 0.57 -26.05 -0.52
CA GLU B 150 -0.32 -26.75 0.41
C GLU B 150 0.45 -27.86 1.15
N LYS B 151 -0.28 -28.60 1.99
CA LYS B 151 0.09 -29.92 2.56
C LYS B 151 -0.42 -30.13 3.99
CA CA C . -8.19 15.22 12.20
C ACT D . 1.07 25.21 12.18
O ACT D . 2.19 24.70 12.17
OXT ACT D . 0.66 25.48 11.04
CH3 ACT D . 0.31 25.43 13.47
C ACT E . -15.02 10.03 -16.92
O ACT E . -15.31 11.19 -17.33
OXT ACT E . -15.03 9.90 -15.69
CH3 ACT E . -14.68 8.92 -17.87
CA CA F . 8.74 -15.07 -12.17
C ACT G . 7.16 6.25 -8.49
O ACT G . 8.40 6.39 -8.31
OXT ACT G . 6.48 6.15 -7.45
CH3 ACT G . 6.55 6.20 -9.87
C ACT H . 21.53 -16.27 -7.85
O ACT H . 21.80 -15.07 -7.88
OXT ACT H . 21.29 -16.71 -6.72
CH3 ACT H . 21.49 -17.08 -9.11
#